data_4QOD
#
_entry.id   4QOD
#
_cell.length_a   56.120
_cell.length_b   83.200
_cell.length_c   106.540
_cell.angle_alpha   90.00
_cell.angle_beta   90.00
_cell.angle_gamma   90.00
#
_symmetry.space_group_name_H-M   'P 21 21 21'
#
loop_
_entity.id
_entity.type
_entity.pdbx_description
1 polymer 'Ribosyldihydronicotinamide dehydrogenase [quinone]'
2 non-polymer GLYCEROL
3 non-polymer 'ZINC ION'
4 water water
#
_entity_poly.entity_id   1
_entity_poly.type   'polypeptide(L)'
_entity_poly.pdbx_seq_one_letter_code
;MAGKKVLIVYAHQEPKSFNGSLKNVAVDELSRQGCTVTVSDLYAMNFEPRATDKDITGTLSNPEVFNYGVETHEAYKQRS
LASDITDEQKKVREADLVIFQFPLYWFSVPAILKGWMDRVLCQGFAFDIPGFYDSGLLQGKLALLSVTTGGTAEMYTKTG
VNGDSRYFLWPLQHGTLHFCGFKVLAPQISFAPEIASEEERKGMVAAWSQRLQTIWKEEPIPCTAHWHFGQ
;
_entity_poly.pdbx_strand_id   A,B
#
# COMPACT_ATOMS: atom_id res chain seq x y z
N GLY A 3 -28.86 -18.67 -1.14
CA GLY A 3 -27.77 -18.65 -0.12
C GLY A 3 -26.70 -17.66 -0.52
N LYS A 4 -25.87 -17.29 0.43
CA LYS A 4 -24.79 -16.34 0.19
C LYS A 4 -23.45 -16.91 0.58
N LYS A 5 -22.40 -16.59 -0.16
CA LYS A 5 -21.02 -17.02 0.12
C LYS A 5 -20.20 -15.76 0.45
N VAL A 6 -19.42 -15.84 1.48
CA VAL A 6 -18.57 -14.75 1.93
C VAL A 6 -17.11 -15.25 2.04
N LEU A 7 -16.17 -14.41 1.56
CA LEU A 7 -14.74 -14.60 1.72
C LEU A 7 -14.29 -13.47 2.63
N ILE A 8 -13.57 -13.80 3.71
CA ILE A 8 -12.91 -12.79 4.54
C ILE A 8 -11.41 -12.92 4.30
N VAL A 9 -10.76 -11.86 3.81
CA VAL A 9 -9.32 -11.81 3.63
C VAL A 9 -8.78 -11.02 4.81
N TYR A 10 -8.04 -11.73 5.66
CA TYR A 10 -7.70 -11.30 6.99
C TYR A 10 -6.20 -11.13 7.12
N ALA A 11 -5.76 -9.99 7.64
CA ALA A 11 -4.35 -9.60 7.65
C ALA A 11 -3.92 -9.11 9.07
N HIS A 12 -3.81 -10.02 10.07
CA HIS A 12 -3.24 -9.76 11.38
C HIS A 12 -2.50 -10.96 11.81
N GLN A 13 -1.40 -10.64 12.50
CA GLN A 13 -0.49 -11.70 12.96
C GLN A 13 -0.91 -12.49 14.22
N GLU A 14 -1.84 -11.89 14.96
CA GLU A 14 -2.17 -12.36 16.31
C GLU A 14 -3.67 -12.70 16.41
N PRO A 15 -3.94 -14.00 16.67
CA PRO A 15 -5.35 -14.42 16.84
C PRO A 15 -6.05 -13.72 17.98
N LYS A 16 -5.32 -13.34 19.03
CA LYS A 16 -5.94 -12.67 20.18
C LYS A 16 -6.07 -11.18 20.05
N SER A 17 -5.75 -10.65 18.86
CA SER A 17 -5.88 -9.22 18.61
C SER A 17 -7.34 -8.79 18.42
N PHE A 18 -7.53 -7.49 18.47
CA PHE A 18 -8.81 -6.85 18.16
C PHE A 18 -9.22 -7.19 16.70
N ASN A 19 -8.29 -7.12 15.74
CA ASN A 19 -8.60 -7.59 14.40
C ASN A 19 -9.11 -9.01 14.38
N GLY A 20 -8.44 -9.86 15.15
CA GLY A 20 -8.85 -11.22 15.29
C GLY A 20 -10.27 -11.38 15.81
N SER A 21 -10.61 -10.55 16.81
CA SER A 21 -11.98 -10.48 17.34
C SER A 21 -12.99 -10.13 16.30
N LEU A 22 -12.67 -9.14 15.51
CA LEU A 22 -13.58 -8.67 14.46
C LEU A 22 -13.74 -9.76 13.41
N LYS A 23 -12.65 -10.42 13.01
CA LYS A 23 -12.81 -11.51 12.06
C LYS A 23 -13.70 -12.62 12.62
N ASN A 24 -13.44 -12.99 13.88
CA ASN A 24 -14.16 -14.09 14.49
C ASN A 24 -15.62 -13.82 14.66
N VAL A 25 -15.96 -12.60 15.06
CA VAL A 25 -17.39 -12.26 15.18
C VAL A 25 -18.05 -12.30 13.79
N ALA A 26 -17.35 -11.94 12.72
CA ALA A 26 -17.91 -12.04 11.39
C ALA A 26 -18.20 -13.48 10.98
N VAL A 27 -17.23 -14.32 11.26
CA VAL A 27 -17.41 -15.76 11.00
C VAL A 27 -18.65 -16.23 11.77
N ASP A 28 -18.70 -15.92 13.04
CA ASP A 28 -19.77 -16.44 13.93
C ASP A 28 -21.12 -15.90 13.43
N GLU A 29 -21.26 -14.63 13.16
CA GLU A 29 -22.58 -14.11 12.72
C GLU A 29 -22.99 -14.56 11.33
N LEU A 30 -22.07 -14.53 10.39
CA LEU A 30 -22.44 -14.95 9.04
C LEU A 30 -22.71 -16.48 9.01
N SER A 31 -21.98 -17.23 9.87
CA SER A 31 -22.24 -18.69 10.03
CA SER A 31 -22.25 -18.67 10.00
C SER A 31 -23.63 -18.95 10.60
N ARG A 32 -23.95 -18.18 11.64
CA ARG A 32 -25.29 -18.24 12.30
C ARG A 32 -26.39 -17.99 11.28
N GLN A 33 -26.20 -17.04 10.35
CA GLN A 33 -27.17 -16.76 9.32
C GLN A 33 -27.39 -17.89 8.29
N GLY A 34 -26.45 -18.83 8.26
CA GLY A 34 -26.42 -19.90 7.28
C GLY A 34 -25.60 -19.61 6.03
N CYS A 35 -24.83 -18.52 6.04
CA CYS A 35 -23.97 -18.24 4.88
C CYS A 35 -22.84 -19.25 4.82
N THR A 36 -22.28 -19.40 3.66
CA THR A 36 -21.03 -20.18 3.46
C THR A 36 -19.87 -19.18 3.70
N VAL A 37 -18.95 -19.50 4.57
CA VAL A 37 -17.86 -18.61 4.93
C VAL A 37 -16.52 -19.24 4.75
N THR A 38 -15.57 -18.51 4.14
CA THR A 38 -14.16 -18.90 3.95
C THR A 38 -13.28 -17.75 4.42
N VAL A 39 -12.18 -18.07 5.09
CA VAL A 39 -11.28 -17.05 5.60
C VAL A 39 -9.89 -17.36 4.97
N SER A 40 -9.27 -16.36 4.34
CA SER A 40 -7.85 -16.42 3.94
C SER A 40 -7.05 -15.65 4.99
N ASP A 41 -6.44 -16.42 5.92
CA ASP A 41 -5.64 -15.84 7.01
C ASP A 41 -4.22 -15.70 6.48
N LEU A 42 -3.96 -14.52 5.88
CA LEU A 42 -2.75 -14.38 5.10
C LEU A 42 -1.46 -14.65 5.90
N TYR A 43 -1.32 -14.16 7.12
CA TYR A 43 -0.05 -14.44 7.85
C TYR A 43 0.09 -15.91 8.14
N ALA A 44 -1.00 -16.57 8.51
CA ALA A 44 -0.89 -17.99 8.83
C ALA A 44 -0.59 -18.82 7.62
N MET A 45 -1.03 -18.37 6.47
CA MET A 45 -0.76 -18.99 5.16
C MET A 45 0.69 -18.68 4.66
N ASN A 46 1.39 -17.81 5.35
CA ASN A 46 2.64 -17.24 4.86
C ASN A 46 2.47 -16.77 3.40
N PHE A 47 1.41 -16.00 3.16
CA PHE A 47 1.08 -15.66 1.81
C PHE A 47 2.23 -14.83 1.19
N GLU A 48 2.56 -15.20 -0.06
CA GLU A 48 3.64 -14.54 -0.78
C GLU A 48 3.17 -13.17 -1.26
N PRO A 49 3.88 -12.07 -0.91
CA PRO A 49 3.36 -10.74 -1.36
C PRO A 49 4.04 -10.27 -2.66
N ARG A 50 5.22 -10.79 -2.95
CA ARG A 50 6.03 -10.24 -4.04
C ARG A 50 5.52 -10.67 -5.41
N ALA A 51 5.44 -9.72 -6.32
CA ALA A 51 5.10 -9.95 -7.71
C ALA A 51 6.38 -10.30 -8.48
N THR A 52 6.58 -11.60 -8.70
CA THR A 52 7.79 -12.07 -9.35
C THR A 52 7.51 -13.06 -10.49
N ASP A 53 8.58 -13.34 -11.23
CA ASP A 53 8.50 -14.29 -12.32
C ASP A 53 8.23 -15.72 -11.88
N LYS A 54 8.31 -15.98 -10.59
CA LYS A 54 7.93 -17.27 -10.02
C LYS A 54 6.41 -17.50 -10.07
N ASP A 55 5.64 -16.46 -10.35
CA ASP A 55 4.19 -16.57 -10.42
C ASP A 55 3.64 -17.15 -11.70
N ILE A 56 4.57 -17.38 -12.64
CA ILE A 56 4.20 -17.95 -13.93
C ILE A 56 5.05 -19.25 -14.11
N THR A 57 4.39 -20.36 -14.43
CA THR A 57 5.11 -21.69 -14.50
C THR A 57 5.48 -22.00 -15.91
N GLY A 58 4.74 -21.60 -16.90
CA GLY A 58 5.40 -21.90 -18.22
C GLY A 58 6.39 -21.00 -18.97
N THR A 59 6.51 -21.23 -20.28
CA THR A 59 7.32 -20.39 -21.20
C THR A 59 6.69 -18.96 -21.21
N LEU A 60 7.57 -17.98 -21.02
CA LEU A 60 7.14 -16.58 -20.95
C LEU A 60 6.89 -16.09 -22.34
N SER A 61 5.98 -15.15 -22.44
CA SER A 61 5.69 -14.50 -23.66
C SER A 61 6.91 -13.67 -24.20
N ASN A 62 7.59 -12.97 -23.30
CA ASN A 62 8.78 -12.23 -23.62
C ASN A 62 9.83 -12.44 -22.56
N PRO A 63 10.62 -13.50 -22.71
CA PRO A 63 11.57 -13.79 -21.66
C PRO A 63 12.77 -12.84 -21.68
N GLU A 64 12.89 -11.98 -22.69
CA GLU A 64 14.01 -11.02 -22.71
C GLU A 64 13.78 -9.81 -21.78
N VAL A 65 12.54 -9.38 -21.66
CA VAL A 65 12.17 -8.18 -20.95
C VAL A 65 10.87 -8.55 -20.18
N PHE A 66 11.09 -8.83 -18.88
CA PHE A 66 10.00 -9.33 -18.04
C PHE A 66 9.04 -8.18 -17.66
N ASN A 67 7.75 -8.35 -17.93
CA ASN A 67 6.68 -7.44 -17.58
C ASN A 67 5.65 -8.24 -16.82
N TYR A 68 5.57 -7.97 -15.53
CA TYR A 68 4.69 -8.76 -14.68
C TYR A 68 3.23 -8.79 -15.14
N GLY A 69 2.68 -7.61 -15.46
CA GLY A 69 1.31 -7.57 -15.88
C GLY A 69 1.02 -8.37 -17.16
N VAL A 70 1.91 -8.25 -18.10
CA VAL A 70 1.70 -8.91 -19.37
C VAL A 70 1.80 -10.45 -19.20
N GLU A 71 2.81 -10.87 -18.45
CA GLU A 71 3.06 -12.27 -18.26
C GLU A 71 2.02 -12.93 -17.37
N THR A 72 1.50 -12.24 -16.37
CA THR A 72 0.42 -12.85 -15.57
C THR A 72 -0.89 -12.90 -16.35
N HIS A 73 -1.17 -11.88 -17.17
CA HIS A 73 -2.33 -11.90 -18.02
C HIS A 73 -2.36 -13.14 -18.92
N GLU A 74 -1.24 -13.35 -19.57
N GLU A 74 -1.24 -13.34 -19.56
CA GLU A 74 -1.09 -14.51 -20.44
CA GLU A 74 -1.07 -14.51 -20.42
C GLU A 74 -1.15 -15.81 -19.65
C GLU A 74 -1.14 -15.81 -19.65
N ALA A 75 -0.49 -15.84 -18.49
CA ALA A 75 -0.49 -17.04 -17.59
C ALA A 75 -1.93 -17.32 -17.15
N TYR A 76 -2.73 -16.31 -16.83
CA TYR A 76 -4.10 -16.56 -16.41
C TYR A 76 -4.87 -17.30 -17.54
N LYS A 77 -4.72 -16.80 -18.75
CA LYS A 77 -5.41 -17.33 -19.91
C LYS A 77 -4.98 -18.74 -20.22
N GLN A 78 -3.72 -19.05 -20.02
CA GLN A 78 -3.17 -20.37 -20.29
C GLN A 78 -3.28 -21.33 -19.14
N ARG A 79 -3.79 -20.86 -18.02
CA ARG A 79 -3.81 -21.61 -16.78
C ARG A 79 -2.47 -22.04 -16.26
N SER A 80 -1.52 -21.14 -16.30
CA SER A 80 -0.20 -21.39 -15.87
C SER A 80 0.28 -20.45 -14.74
N LEU A 81 -0.66 -19.86 -14.02
CA LEU A 81 -0.24 -19.11 -12.81
C LEU A 81 0.11 -20.01 -11.64
N ALA A 82 0.87 -19.52 -10.68
CA ALA A 82 1.13 -20.25 -9.44
C ALA A 82 -0.19 -20.63 -8.76
N SER A 83 -0.21 -21.80 -8.07
CA SER A 83 -1.38 -22.29 -7.52
C SER A 83 -1.89 -21.46 -6.37
N ASP A 84 -1.02 -20.75 -5.64
CA ASP A 84 -1.50 -19.93 -4.55
C ASP A 84 -2.43 -18.84 -5.05
N ILE A 85 -2.09 -18.34 -6.26
CA ILE A 85 -2.91 -17.29 -6.91
C ILE A 85 -4.28 -17.84 -7.30
N THR A 86 -4.25 -18.96 -8.01
CA THR A 86 -5.42 -19.66 -8.50
CA THR A 86 -5.46 -19.56 -8.50
C THR A 86 -6.36 -20.05 -7.36
N ASP A 87 -5.77 -20.51 -6.23
CA ASP A 87 -6.53 -20.85 -5.00
C ASP A 87 -7.38 -19.64 -4.52
N GLU A 88 -6.72 -18.50 -4.46
CA GLU A 88 -7.43 -17.33 -3.99
C GLU A 88 -8.47 -16.88 -5.02
N GLN A 89 -8.22 -16.96 -6.36
CA GLN A 89 -9.13 -16.60 -7.43
C GLN A 89 -10.41 -17.43 -7.35
N LYS A 90 -10.23 -18.71 -6.99
CA LYS A 90 -11.44 -19.55 -6.84
C LYS A 90 -12.32 -19.02 -5.74
N LYS A 91 -11.73 -18.69 -4.60
CA LYS A 91 -12.46 -18.13 -3.44
C LYS A 91 -13.23 -16.86 -3.84
N VAL A 92 -12.57 -15.99 -4.56
CA VAL A 92 -13.18 -14.74 -4.98
C VAL A 92 -14.30 -14.98 -5.99
N ARG A 93 -13.97 -15.83 -6.95
CA ARG A 93 -15.04 -16.21 -7.95
C ARG A 93 -16.48 -16.73 -7.36
N GLU A 94 -16.30 -17.51 -6.31
CA GLU A 94 -17.39 -18.07 -5.58
C GLU A 94 -18.11 -17.11 -4.65
N ALA A 95 -17.38 -16.14 -4.14
CA ALA A 95 -17.96 -15.23 -3.17
C ALA A 95 -18.94 -14.23 -3.76
N ASP A 96 -19.98 -13.99 -2.99
CA ASP A 96 -20.91 -12.88 -3.17
C ASP A 96 -20.42 -11.59 -2.50
N LEU A 97 -19.71 -11.73 -1.39
CA LEU A 97 -19.22 -10.63 -0.61
C LEU A 97 -17.80 -10.98 -0.19
N VAL A 98 -16.87 -10.01 -0.39
CA VAL A 98 -15.47 -10.13 0.08
C VAL A 98 -15.25 -9.05 1.13
N ILE A 99 -14.97 -9.46 2.36
CA ILE A 99 -14.62 -8.57 3.49
C ILE A 99 -13.14 -8.61 3.69
N PHE A 100 -12.50 -7.42 3.79
CA PHE A 100 -11.09 -7.31 4.00
C PHE A 100 -10.98 -6.83 5.47
N GLN A 101 -10.31 -7.58 6.34
CA GLN A 101 -10.16 -7.27 7.71
C GLN A 101 -8.68 -7.00 8.07
N PHE A 102 -8.34 -5.75 8.44
CA PHE A 102 -6.92 -5.39 8.57
C PHE A 102 -6.76 -4.13 9.43
N PRO A 103 -5.56 -4.01 10.04
CA PRO A 103 -5.14 -2.74 10.61
C PRO A 103 -4.58 -1.85 9.53
N LEU A 104 -4.82 -0.55 9.66
CA LEU A 104 -4.31 0.44 8.72
C LEU A 104 -2.79 0.63 8.93
N TYR A 105 -2.00 0.31 7.89
CA TYR A 105 -0.56 0.49 7.86
C TYR A 105 -0.28 1.54 6.88
N TRP A 106 0.23 2.70 7.35
CA TRP A 106 0.57 3.78 6.43
C TRP A 106 -0.55 4.21 5.50
N PHE A 107 -1.69 4.46 6.12
CA PHE A 107 -2.90 4.91 5.43
C PHE A 107 -3.36 3.88 4.35
N SER A 108 -2.98 2.62 4.51
CA SER A 108 -3.25 1.58 3.52
C SER A 108 -3.34 0.20 4.16
N VAL A 109 -3.30 -0.84 3.34
CA VAL A 109 -3.31 -2.22 3.81
C VAL A 109 -1.86 -2.66 4.15
N PRO A 110 -1.72 -3.54 5.15
CA PRO A 110 -0.43 -4.20 5.34
C PRO A 110 0.13 -4.80 4.04
N ALA A 111 1.45 -4.80 3.88
CA ALA A 111 2.03 -5.30 2.63
C ALA A 111 1.58 -6.70 2.31
N ILE A 112 1.37 -7.60 3.26
CA ILE A 112 0.92 -8.95 2.92
C ILE A 112 -0.39 -8.93 2.12
N LEU A 113 -1.28 -8.05 2.55
CA LEU A 113 -2.57 -7.85 1.87
C LEU A 113 -2.42 -7.09 0.58
N LYS A 114 -1.51 -6.11 0.51
CA LYS A 114 -1.26 -5.45 -0.75
C LYS A 114 -0.80 -6.49 -1.73
N GLY A 115 0.03 -7.45 -1.34
CA GLY A 115 0.46 -8.47 -2.22
C GLY A 115 -0.63 -9.37 -2.69
N TRP A 116 -1.58 -9.71 -1.86
CA TRP A 116 -2.79 -10.40 -2.29
C TRP A 116 -3.48 -9.60 -3.38
N MET A 117 -3.66 -8.29 -3.17
N MET A 117 -3.65 -8.29 -3.18
CA MET A 117 -4.31 -7.49 -4.24
CA MET A 117 -4.31 -7.49 -4.24
C MET A 117 -3.49 -7.56 -5.55
C MET A 117 -3.49 -7.53 -5.55
N ASP A 118 -2.21 -7.32 -5.43
CA ASP A 118 -1.31 -7.24 -6.55
C ASP A 118 -1.28 -8.54 -7.38
N ARG A 119 -1.27 -9.69 -6.73
CA ARG A 119 -1.06 -10.98 -7.35
C ARG A 119 -2.37 -11.70 -7.73
N VAL A 120 -3.40 -11.53 -6.90
CA VAL A 120 -4.66 -12.22 -7.14
C VAL A 120 -5.52 -11.53 -8.19
N LEU A 121 -5.55 -10.22 -8.15
CA LEU A 121 -6.41 -9.46 -9.07
C LEU A 121 -5.79 -9.15 -10.40
N CYS A 122 -5.46 -10.22 -11.12
CA CYS A 122 -4.76 -10.04 -12.39
C CYS A 122 -5.68 -9.74 -13.59
N GLN A 123 -5.05 -9.26 -14.65
CA GLN A 123 -5.81 -8.99 -15.86
C GLN A 123 -6.30 -10.33 -16.42
N GLY A 124 -7.51 -10.33 -16.91
CA GLY A 124 -8.23 -11.55 -17.34
C GLY A 124 -9.13 -12.14 -16.33
N PHE A 125 -8.72 -12.03 -15.05
CA PHE A 125 -9.50 -12.52 -13.90
C PHE A 125 -10.39 -11.42 -13.35
N ALA A 126 -9.75 -10.30 -12.94
CA ALA A 126 -10.46 -9.24 -12.22
C ALA A 126 -10.90 -8.08 -13.10
N PHE A 127 -10.12 -7.85 -14.12
CA PHE A 127 -10.43 -6.77 -15.10
C PHE A 127 -9.86 -7.14 -16.41
N ASP A 128 -10.35 -6.50 -17.45
CA ASP A 128 -9.75 -6.58 -18.82
C ASP A 128 -9.61 -5.15 -19.30
N ILE A 129 -8.95 -5.01 -20.43
CA ILE A 129 -8.79 -3.69 -21.05
C ILE A 129 -9.27 -3.79 -22.49
N PRO A 130 -10.52 -3.38 -22.71
CA PRO A 130 -11.51 -2.79 -21.81
C PRO A 130 -12.16 -3.80 -20.91
N GLY A 131 -12.86 -3.30 -19.89
CA GLY A 131 -13.49 -4.19 -18.90
C GLY A 131 -13.01 -3.85 -17.49
N PHE A 132 -13.23 -2.61 -17.11
CA PHE A 132 -12.86 -2.10 -15.78
C PHE A 132 -13.82 -1.03 -15.29
N TYR A 133 -13.65 -0.65 -14.04
CA TYR A 133 -14.63 0.12 -13.29
C TYR A 133 -16.01 -0.56 -13.42
N ASP A 134 -17.04 0.14 -13.86
CA ASP A 134 -18.38 -0.47 -13.91
C ASP A 134 -18.45 -1.72 -14.83
N SER A 135 -17.54 -1.88 -15.75
CA SER A 135 -17.41 -3.06 -16.63
CA SER A 135 -17.48 -3.11 -16.56
C SER A 135 -16.36 -4.09 -16.13
N GLY A 136 -15.83 -3.93 -14.91
CA GLY A 136 -14.88 -4.89 -14.39
C GLY A 136 -15.46 -6.28 -14.32
N LEU A 137 -14.56 -7.26 -14.30
CA LEU A 137 -14.98 -8.67 -14.32
C LEU A 137 -15.57 -9.23 -13.05
N LEU A 138 -15.42 -8.52 -11.94
CA LEU A 138 -16.05 -8.94 -10.69
C LEU A 138 -17.35 -8.21 -10.41
N GLN A 139 -17.93 -7.69 -11.47
CA GLN A 139 -19.25 -7.08 -11.37
C GLN A 139 -20.27 -8.08 -10.75
N GLY A 140 -21.20 -7.52 -9.99
CA GLY A 140 -22.20 -8.32 -9.23
C GLY A 140 -21.74 -8.74 -7.85
N LYS A 141 -20.44 -8.56 -7.52
CA LYS A 141 -19.93 -8.91 -6.20
C LYS A 141 -19.85 -7.67 -5.35
N LEU A 142 -19.92 -7.83 -4.05
CA LEU A 142 -19.77 -6.75 -3.09
C LEU A 142 -18.43 -6.92 -2.36
N ALA A 143 -17.85 -5.79 -2.01
CA ALA A 143 -16.67 -5.74 -1.17
C ALA A 143 -16.82 -4.75 -0.02
N LEU A 144 -16.16 -5.00 1.11
CA LEU A 144 -16.22 -4.17 2.29
C LEU A 144 -14.89 -4.17 2.99
N LEU A 145 -14.38 -2.97 3.32
CA LEU A 145 -13.20 -2.79 4.13
C LEU A 145 -13.56 -2.64 5.58
N SER A 146 -13.10 -3.55 6.38
CA SER A 146 -13.17 -3.48 7.83
C SER A 146 -11.77 -3.22 8.41
N VAL A 147 -11.58 -1.96 8.79
CA VAL A 147 -10.27 -1.43 9.12
CA VAL A 147 -10.28 -1.39 9.13
C VAL A 147 -10.18 -1.01 10.58
N THR A 148 -9.01 -1.21 11.16
CA THR A 148 -8.71 -0.66 12.50
C THR A 148 -7.68 0.41 12.36
N THR A 149 -7.69 1.41 13.24
CA THR A 149 -6.76 2.54 13.19
C THR A 149 -6.04 2.78 14.54
N GLY A 150 -4.86 3.37 14.45
CA GLY A 150 -4.15 3.88 15.61
C GLY A 150 -4.75 5.21 16.09
N GLY A 151 -5.06 6.09 15.10
CA GLY A 151 -5.60 7.45 15.36
C GLY A 151 -7.08 7.43 15.72
N THR A 152 -7.50 8.29 16.65
CA THR A 152 -8.91 8.39 17.08
C THR A 152 -9.74 8.96 15.89
N ALA A 153 -11.05 8.81 16.01
CA ALA A 153 -12.00 9.31 14.97
C ALA A 153 -11.79 10.79 14.69
N GLU A 154 -11.60 11.60 15.72
CA GLU A 154 -11.37 13.06 15.53
C GLU A 154 -10.15 13.32 14.68
N MET A 155 -9.15 12.45 14.77
CA MET A 155 -7.94 12.63 14.03
C MET A 155 -8.16 12.36 12.54
N TYR A 156 -9.14 11.54 12.22
CA TYR A 156 -9.47 11.31 10.83
C TYR A 156 -10.69 12.10 10.36
N THR A 157 -10.66 13.40 10.62
CA THR A 157 -11.65 14.29 10.06
C THR A 157 -10.92 15.31 9.26
N LYS A 158 -11.69 16.05 8.46
CA LYS A 158 -11.13 17.01 7.53
C LYS A 158 -10.18 17.92 8.25
N THR A 159 -10.57 18.36 9.47
CA THR A 159 -9.72 19.22 10.30
C THR A 159 -8.85 18.54 11.40
N GLY A 160 -8.87 17.23 11.45
CA GLY A 160 -7.99 16.49 12.30
C GLY A 160 -6.63 16.33 11.66
N VAL A 161 -5.72 15.78 12.44
CA VAL A 161 -4.32 15.68 12.05
C VAL A 161 -4.13 14.85 10.77
N ASN A 162 -4.95 13.81 10.63
CA ASN A 162 -4.81 12.87 9.51
C ASN A 162 -5.65 13.14 8.29
N GLY A 163 -6.53 14.12 8.38
CA GLY A 163 -7.43 14.43 7.29
C GLY A 163 -8.61 13.42 7.35
N ASP A 164 -9.57 13.58 6.44
CA ASP A 164 -10.74 12.70 6.50
C ASP A 164 -10.38 11.25 6.21
N SER A 165 -11.01 10.31 6.95
CA SER A 165 -10.79 8.86 6.65
C SER A 165 -11.09 8.49 5.24
N ARG A 166 -12.11 9.09 4.63
CA ARG A 166 -12.43 8.78 3.24
C ARG A 166 -11.29 9.02 2.28
N TYR A 167 -10.41 9.95 2.65
CA TYR A 167 -9.35 10.31 1.71
C TYR A 167 -8.43 9.11 1.44
N PHE A 168 -8.10 8.34 2.50
CA PHE A 168 -7.19 7.20 2.33
C PHE A 168 -7.88 6.00 1.76
N LEU A 169 -9.19 6.03 1.74
CA LEU A 169 -9.93 4.88 1.15
C LEU A 169 -9.92 4.84 -0.34
N TRP A 170 -9.59 5.93 -0.99
CA TRP A 170 -9.68 6.03 -2.39
C TRP A 170 -8.86 4.97 -3.18
N PRO A 171 -7.54 4.78 -2.91
CA PRO A 171 -6.83 3.77 -3.67
C PRO A 171 -7.40 2.37 -3.57
N LEU A 172 -7.97 2.08 -2.43
CA LEU A 172 -8.52 0.76 -2.11
C LEU A 172 -9.91 0.55 -2.67
N GLN A 173 -10.81 1.39 -2.23
CA GLN A 173 -12.20 1.32 -2.73
C GLN A 173 -12.36 1.57 -4.25
N HIS A 174 -11.76 2.66 -4.71
CA HIS A 174 -11.92 3.04 -6.07
C HIS A 174 -10.85 2.44 -7.00
N GLY A 175 -9.59 2.74 -6.71
CA GLY A 175 -8.52 2.29 -7.56
C GLY A 175 -8.34 0.78 -7.68
N THR A 176 -8.80 0.05 -6.65
CA THR A 176 -8.67 -1.42 -6.66
C THR A 176 -10.05 -2.08 -6.78
N LEU A 177 -10.97 -1.89 -5.88
CA LEU A 177 -12.14 -2.72 -5.85
C LEU A 177 -13.12 -2.29 -6.98
N HIS A 178 -13.46 -1.00 -7.01
CA HIS A 178 -14.33 -0.52 -8.06
C HIS A 178 -13.72 -0.78 -9.44
N PHE A 179 -12.38 -0.61 -9.56
CA PHE A 179 -11.70 -0.89 -10.78
C PHE A 179 -12.03 -2.30 -11.29
N CYS A 180 -12.05 -3.28 -10.38
CA CYS A 180 -12.33 -4.65 -10.74
C CYS A 180 -13.82 -4.97 -10.89
N GLY A 181 -14.68 -3.97 -10.74
CA GLY A 181 -16.10 -4.16 -10.88
C GLY A 181 -16.91 -4.36 -9.61
N PHE A 182 -16.26 -4.47 -8.45
CA PHE A 182 -17.01 -4.60 -7.24
C PHE A 182 -17.89 -3.37 -6.97
N LYS A 183 -19.02 -3.61 -6.37
CA LYS A 183 -19.74 -2.58 -5.66
C LYS A 183 -19.21 -2.65 -4.23
N VAL A 184 -19.08 -1.47 -3.65
CA VAL A 184 -18.41 -1.26 -2.42
C VAL A 184 -19.41 -0.88 -1.33
N LEU A 185 -19.52 -1.71 -0.32
CA LEU A 185 -20.29 -1.38 0.86
C LEU A 185 -19.51 -0.40 1.73
N ALA A 186 -20.26 0.41 2.48
CA ALA A 186 -19.66 1.41 3.37
C ALA A 186 -18.64 0.79 4.34
N PRO A 187 -17.46 1.45 4.48
CA PRO A 187 -16.43 0.82 5.29
C PRO A 187 -16.78 0.71 6.75
N GLN A 188 -16.30 -0.31 7.42
CA GLN A 188 -16.35 -0.39 8.86
C GLN A 188 -15.04 0.06 9.44
N ILE A 189 -15.00 1.21 10.10
CA ILE A 189 -13.78 1.70 10.69
C ILE A 189 -13.89 1.69 12.18
N SER A 190 -13.07 0.87 12.84
CA SER A 190 -12.95 0.72 14.24
C SER A 190 -11.73 1.57 14.72
N PHE A 191 -12.02 2.71 15.33
CA PHE A 191 -11.00 3.75 15.61
C PHE A 191 -10.29 3.45 16.93
N ALA A 192 -8.95 3.44 16.90
CA ALA A 192 -8.09 3.46 18.08
C ALA A 192 -8.45 2.45 19.13
N PRO A 193 -8.65 1.22 18.72
CA PRO A 193 -8.92 0.20 19.73
C PRO A 193 -7.81 0.02 20.80
N GLU A 194 -6.51 0.15 20.44
CA GLU A 194 -5.44 -0.11 21.45
C GLU A 194 -5.56 0.76 22.67
N ILE A 195 -6.04 1.99 22.49
CA ILE A 195 -6.20 2.95 23.61
C ILE A 195 -7.61 3.02 24.20
N ALA A 196 -8.57 2.38 23.54
CA ALA A 196 -9.93 2.33 24.08
C ALA A 196 -9.98 1.46 25.36
N SER A 197 -10.98 1.66 26.21
CA SER A 197 -11.32 0.76 27.33
C SER A 197 -11.84 -0.56 26.80
N GLU A 198 -11.80 -1.64 27.61
CA GLU A 198 -12.39 -2.95 27.20
C GLU A 198 -13.91 -2.89 26.93
N GLU A 199 -14.59 -2.07 27.72
CA GLU A 199 -15.95 -1.62 27.45
C GLU A 199 -16.13 -1.19 26.00
N GLU A 200 -15.32 -0.20 25.61
CA GLU A 200 -15.38 0.41 24.27
C GLU A 200 -15.06 -0.63 23.19
N ARG A 201 -14.08 -1.49 23.46
CA ARG A 201 -13.64 -2.50 22.51
C ARG A 201 -14.71 -3.55 22.25
N LYS A 202 -15.29 -4.05 23.34
CA LYS A 202 -16.50 -4.89 23.28
C LYS A 202 -17.63 -4.28 22.47
N GLY A 203 -17.87 -2.98 22.67
CA GLY A 203 -18.90 -2.24 21.95
C GLY A 203 -18.61 -2.22 20.48
N MET A 204 -17.33 -2.08 20.08
CA MET A 204 -17.00 -1.90 18.65
C MET A 204 -17.18 -3.22 17.96
N VAL A 205 -16.85 -4.28 18.66
CA VAL A 205 -17.03 -5.68 18.23
C VAL A 205 -18.52 -6.00 18.03
N ALA A 206 -19.29 -5.65 19.03
CA ALA A 206 -20.72 -5.87 18.98
C ALA A 206 -21.41 -5.02 17.91
N ALA A 207 -20.91 -3.77 17.66
CA ALA A 207 -21.45 -2.91 16.58
C ALA A 207 -21.28 -3.59 15.22
N TRP A 208 -20.11 -4.19 14.99
CA TRP A 208 -19.81 -4.90 13.76
C TRP A 208 -20.72 -6.15 13.62
N SER A 209 -20.84 -6.92 14.70
CA SER A 209 -21.77 -8.08 14.67
C SER A 209 -23.22 -7.67 14.35
N GLN A 210 -23.67 -6.59 15.00
CA GLN A 210 -25.00 -6.05 14.72
C GLN A 210 -25.18 -5.58 13.27
N ARG A 211 -24.18 -4.87 12.71
CA ARG A 211 -24.26 -4.48 11.32
C ARG A 211 -24.39 -5.70 10.46
N LEU A 212 -23.58 -6.74 10.75
CA LEU A 212 -23.58 -7.92 9.90
C LEU A 212 -24.94 -8.64 9.81
N GLN A 213 -25.74 -8.48 10.87
CA GLN A 213 -27.08 -9.05 10.91
C GLN A 213 -27.93 -8.58 9.73
N THR A 214 -27.75 -7.31 9.32
CA THR A 214 -28.48 -6.75 8.19
C THR A 214 -27.63 -6.39 6.95
N ILE A 215 -26.43 -7.00 6.85
CA ILE A 215 -25.58 -6.65 5.69
C ILE A 215 -26.19 -6.84 4.31
N TRP A 216 -27.04 -7.88 4.18
CA TRP A 216 -27.58 -8.20 2.87
C TRP A 216 -28.69 -7.29 2.41
N LYS A 217 -29.12 -6.41 3.30
CA LYS A 217 -30.07 -5.33 2.98
C LYS A 217 -29.41 -4.02 2.63
N GLU A 218 -28.10 -3.92 2.82
CA GLU A 218 -27.41 -2.66 2.47
C GLU A 218 -27.28 -2.44 0.96
N GLU A 219 -27.15 -1.17 0.58
CA GLU A 219 -26.85 -0.81 -0.79
C GLU A 219 -25.40 -0.23 -0.74
N PRO A 220 -24.72 -0.34 -1.86
CA PRO A 220 -23.34 0.15 -1.92
C PRO A 220 -23.27 1.68 -1.95
N ILE A 221 -22.13 2.19 -1.62
CA ILE A 221 -21.85 3.59 -1.79
C ILE A 221 -21.74 3.96 -3.28
N PRO A 222 -21.90 5.27 -3.55
CA PRO A 222 -21.46 5.77 -4.84
C PRO A 222 -19.93 6.00 -4.81
N CYS A 223 -19.19 5.07 -5.45
CA CYS A 223 -17.75 5.03 -5.28
C CYS A 223 -17.12 6.00 -6.32
N THR A 224 -17.24 7.28 -5.99
CA THR A 224 -16.87 8.39 -6.85
C THR A 224 -15.91 9.31 -6.08
N ALA A 225 -15.29 10.16 -6.89
CA ALA A 225 -14.45 11.21 -6.34
C ALA A 225 -15.22 12.11 -5.36
N HIS A 226 -16.48 12.42 -5.76
CA HIS A 226 -17.30 13.27 -4.85
C HIS A 226 -17.50 12.67 -3.44
N TRP A 227 -17.84 11.35 -3.45
CA TRP A 227 -17.99 10.69 -2.19
C TRP A 227 -16.77 10.73 -1.31
N HIS A 228 -15.57 10.52 -1.93
CA HIS A 228 -14.37 10.43 -1.12
C HIS A 228 -13.83 11.82 -0.69
N PHE A 229 -14.02 12.82 -1.58
CA PHE A 229 -13.32 14.13 -1.38
C PHE A 229 -14.21 15.34 -1.23
N GLY A 230 -15.48 15.23 -1.62
CA GLY A 230 -16.39 16.42 -1.58
C GLY A 230 -16.27 17.23 -2.83
N GLN A 231 -16.87 18.44 -2.80
CA GLN A 231 -17.16 19.27 -4.02
C GLN A 231 -16.02 19.88 -4.77
N GLY B 3 28.35 18.50 0.41
CA GLY B 3 28.26 17.02 0.13
C GLY B 3 26.84 16.52 0.46
N LYS B 4 26.32 15.65 -0.42
CA LYS B 4 24.93 15.16 -0.32
C LYS B 4 24.85 13.65 -0.53
N LYS B 5 24.02 13.01 0.27
CA LYS B 5 23.86 11.54 0.27
C LYS B 5 22.42 11.26 -0.24
N VAL B 6 22.32 10.32 -1.17
CA VAL B 6 21.03 9.92 -1.73
C VAL B 6 20.86 8.39 -1.60
N LEU B 7 19.70 7.97 -1.14
CA LEU B 7 19.27 6.55 -1.19
C LEU B 7 18.14 6.45 -2.23
N ILE B 8 18.27 5.54 -3.16
CA ILE B 8 17.24 5.20 -4.13
C ILE B 8 16.66 3.86 -3.72
N VAL B 9 15.36 3.81 -3.33
CA VAL B 9 14.64 2.56 -3.06
C VAL B 9 13.88 2.22 -4.33
N TYR B 10 14.29 1.12 -4.93
CA TYR B 10 13.89 0.78 -6.28
C TYR B 10 13.08 -0.52 -6.29
N ALA B 11 11.91 -0.51 -6.92
CA ALA B 11 11.02 -1.66 -6.89
C ALA B 11 10.56 -2.02 -8.31
N HIS B 12 11.43 -2.68 -9.10
CA HIS B 12 11.05 -3.25 -10.38
C HIS B 12 11.86 -4.50 -10.63
N GLN B 13 11.14 -5.50 -11.16
CA GLN B 13 11.73 -6.82 -11.40
C GLN B 13 12.75 -6.90 -12.53
N GLU B 14 12.67 -5.95 -13.47
CA GLU B 14 13.44 -6.04 -14.67
C GLU B 14 14.39 -4.86 -14.93
N PRO B 15 15.67 -5.17 -15.02
CA PRO B 15 16.66 -4.11 -15.19
C PRO B 15 16.53 -3.38 -16.50
N LYS B 16 16.00 -4.07 -17.53
CA LYS B 16 15.79 -3.44 -18.84
C LYS B 16 14.55 -2.59 -18.94
N SER B 17 13.77 -2.52 -17.84
CA SER B 17 12.55 -1.71 -17.83
C SER B 17 12.76 -0.23 -17.88
N PHE B 18 11.68 0.50 -18.10
CA PHE B 18 11.70 1.97 -18.02
C PHE B 18 11.98 2.40 -16.62
N ASN B 19 11.41 1.72 -15.62
CA ASN B 19 11.76 2.00 -14.23
C ASN B 19 13.29 1.81 -13.99
N GLY B 20 13.84 0.76 -14.50
CA GLY B 20 15.31 0.53 -14.45
C GLY B 20 16.07 1.69 -15.10
N SER B 21 15.62 2.14 -16.26
CA SER B 21 16.27 3.28 -16.92
C SER B 21 16.25 4.51 -16.02
N LEU B 22 15.13 4.80 -15.38
CA LEU B 22 15.02 5.93 -14.57
C LEU B 22 15.93 5.83 -13.34
N LYS B 23 16.01 4.64 -12.78
CA LYS B 23 16.91 4.42 -11.65
C LYS B 23 18.37 4.60 -12.10
N ASN B 24 18.72 4.06 -13.24
CA ASN B 24 20.08 4.19 -13.70
C ASN B 24 20.47 5.62 -14.06
N VAL B 25 19.60 6.39 -14.68
CA VAL B 25 19.99 7.78 -14.98
CA VAL B 25 19.85 7.81 -14.98
C VAL B 25 20.09 8.55 -13.69
N ALA B 26 19.29 8.25 -12.69
CA ALA B 26 19.47 8.86 -11.37
C ALA B 26 20.82 8.57 -10.76
N VAL B 27 21.18 7.32 -10.78
CA VAL B 27 22.52 6.97 -10.31
C VAL B 27 23.62 7.69 -11.05
N ASP B 28 23.49 7.72 -12.37
CA ASP B 28 24.51 8.32 -13.25
C ASP B 28 24.57 9.83 -12.93
N GLU B 29 23.46 10.55 -12.95
CA GLU B 29 23.52 11.98 -12.81
C GLU B 29 23.93 12.38 -11.42
N LEU B 30 23.38 11.75 -10.37
CA LEU B 30 23.74 12.10 -9.00
C LEU B 30 25.23 11.75 -8.71
N SER B 31 25.70 10.65 -9.29
CA SER B 31 27.13 10.26 -9.18
CA SER B 31 27.12 10.28 -9.16
C SER B 31 28.00 11.32 -9.83
N ARG B 32 27.59 11.78 -10.99
CA ARG B 32 28.33 12.80 -11.74
C ARG B 32 28.45 14.08 -10.91
N GLN B 33 27.42 14.45 -10.20
CA GLN B 33 27.41 15.60 -9.37
C GLN B 33 28.35 15.49 -8.17
N GLY B 34 28.86 14.28 -7.89
CA GLY B 34 29.62 14.04 -6.68
C GLY B 34 28.88 13.61 -5.44
N CYS B 35 27.57 13.28 -5.59
CA CYS B 35 26.79 12.83 -4.47
C CYS B 35 27.21 11.40 -4.10
N THR B 36 26.95 11.09 -2.85
CA THR B 36 27.08 9.72 -2.34
C THR B 36 25.77 9.00 -2.66
N VAL B 37 25.81 7.88 -3.35
CA VAL B 37 24.60 7.21 -3.79
C VAL B 37 24.58 5.77 -3.35
N THR B 38 23.43 5.33 -2.91
CA THR B 38 23.13 3.96 -2.53
C THR B 38 21.78 3.58 -3.10
N VAL B 39 21.69 2.35 -3.58
CA VAL B 39 20.46 1.81 -4.19
C VAL B 39 20.04 0.62 -3.38
N SER B 40 18.79 0.52 -2.92
CA SER B 40 18.17 -0.70 -2.41
C SER B 40 17.26 -1.26 -3.51
N ASP B 41 17.74 -2.32 -4.17
CA ASP B 41 17.09 -2.93 -5.33
C ASP B 41 16.25 -4.07 -4.68
N LEU B 42 14.98 -3.78 -4.34
CA LEU B 42 14.25 -4.64 -3.39
C LEU B 42 14.04 -6.03 -3.98
N TYR B 43 13.67 -6.15 -5.27
CA TYR B 43 13.48 -7.49 -5.83
C TYR B 43 14.79 -8.27 -5.90
N ALA B 44 15.89 -7.63 -6.23
CA ALA B 44 17.18 -8.34 -6.26
C ALA B 44 17.60 -8.78 -4.85
N MET B 45 17.26 -8.04 -3.84
CA MET B 45 17.53 -8.30 -2.44
C MET B 45 16.62 -9.42 -1.89
N ASN B 46 15.59 -9.77 -2.64
CA ASN B 46 14.44 -10.57 -2.16
C ASN B 46 13.89 -10.02 -0.85
N PHE B 47 13.70 -8.69 -0.82
CA PHE B 47 13.36 -8.02 0.40
C PHE B 47 12.06 -8.65 0.99
N GLU B 48 12.07 -8.87 2.31
CA GLU B 48 10.90 -9.47 2.98
C GLU B 48 9.83 -8.38 3.16
N PRO B 49 8.59 -8.62 2.66
CA PRO B 49 7.54 -7.62 2.86
C PRO B 49 6.70 -7.77 4.08
N ARG B 50 6.64 -8.98 4.61
CA ARG B 50 5.70 -9.25 5.68
C ARG B 50 6.16 -8.73 7.03
N ALA B 51 5.26 -8.10 7.78
CA ALA B 51 5.51 -7.65 9.13
C ALA B 51 5.26 -8.81 10.09
N THR B 52 6.33 -9.49 10.51
CA THR B 52 6.18 -10.66 11.37
C THR B 52 7.09 -10.63 12.61
N ASP B 53 6.85 -11.57 13.52
CA ASP B 53 7.63 -11.64 14.72
C ASP B 53 9.07 -12.05 14.46
N LYS B 54 9.37 -12.46 13.25
CA LYS B 54 10.76 -12.67 12.88
C LYS B 54 11.56 -11.37 12.79
N ASP B 55 10.91 -10.24 12.82
CA ASP B 55 11.56 -8.96 12.69
C ASP B 55 12.24 -8.55 13.99
N ILE B 56 11.91 -9.22 15.09
CA ILE B 56 12.55 -8.97 16.41
C ILE B 56 13.39 -10.20 16.73
N THR B 57 14.67 -9.98 17.14
CA THR B 57 15.59 -11.10 17.40
C THR B 57 15.57 -11.34 18.88
N GLY B 58 15.84 -12.58 19.28
CA GLY B 58 15.79 -12.92 20.71
C GLY B 58 14.36 -13.13 21.23
N THR B 59 13.98 -12.35 22.24
CA THR B 59 12.72 -12.60 23.00
C THR B 59 11.84 -11.34 23.16
N LEU B 60 10.51 -11.47 23.26
CA LEU B 60 9.61 -10.34 23.09
C LEU B 60 9.12 -9.52 24.27
N SER B 61 8.71 -8.30 24.06
CA SER B 61 8.17 -7.46 25.11
C SER B 61 6.87 -8.02 25.69
N ASN B 62 6.11 -8.75 24.89
CA ASN B 62 4.95 -9.52 25.37
C ASN B 62 4.60 -10.68 24.48
N PRO B 63 5.22 -11.90 24.75
CA PRO B 63 4.93 -12.93 23.74
C PRO B 63 3.55 -13.63 23.84
N GLU B 64 2.76 -13.26 24.82
CA GLU B 64 1.42 -13.84 24.96
C GLU B 64 0.46 -13.31 23.85
N VAL B 65 0.60 -12.01 23.56
CA VAL B 65 -0.15 -11.23 22.60
C VAL B 65 0.79 -10.33 21.80
N PHE B 66 1.04 -10.76 20.59
CA PHE B 66 1.94 -10.09 19.66
C PHE B 66 1.28 -8.86 19.06
N ASN B 67 1.96 -7.73 19.21
CA ASN B 67 1.58 -6.45 18.65
C ASN B 67 2.80 -5.95 17.90
N TYR B 68 2.72 -5.95 16.59
CA TYR B 68 3.89 -5.60 15.80
C TYR B 68 4.43 -4.20 16.16
N GLY B 69 3.57 -3.21 16.27
CA GLY B 69 4.03 -1.83 16.44
C GLY B 69 4.73 -1.71 17.78
N VAL B 70 4.17 -2.30 18.85
CA VAL B 70 4.80 -2.16 20.15
C VAL B 70 6.16 -2.93 20.17
N GLU B 71 6.14 -4.16 19.68
CA GLU B 71 7.32 -5.02 19.59
C GLU B 71 8.47 -4.42 18.81
N THR B 72 8.17 -3.81 17.66
CA THR B 72 9.26 -3.23 16.89
C THR B 72 9.73 -1.94 17.49
N HIS B 73 8.81 -1.16 18.08
CA HIS B 73 9.20 0.04 18.82
C HIS B 73 10.20 -0.29 19.93
N GLU B 74 9.89 -1.32 20.71
CA GLU B 74 10.74 -1.75 21.78
C GLU B 74 12.07 -2.35 21.25
N ALA B 75 12.00 -3.15 20.17
CA ALA B 75 13.19 -3.76 19.56
C ALA B 75 14.14 -2.65 18.97
N TYR B 76 13.58 -1.59 18.38
CA TYR B 76 14.38 -0.50 17.88
C TYR B 76 15.14 0.13 19.12
N LYS B 77 14.44 0.39 20.22
CA LYS B 77 15.07 0.96 21.43
C LYS B 77 16.14 0.09 22.08
N GLN B 78 15.97 -1.24 22.06
CA GLN B 78 16.92 -2.25 22.57
C GLN B 78 17.84 -2.76 21.50
N ARG B 79 17.89 -2.13 20.32
CA ARG B 79 18.82 -2.65 19.27
C ARG B 79 18.63 -4.15 18.96
N SER B 80 17.35 -4.53 18.80
CA SER B 80 16.99 -5.92 18.63
C SER B 80 16.16 -6.24 17.31
N LEU B 81 16.20 -5.38 16.28
CA LEU B 81 15.50 -5.58 15.03
C LEU B 81 16.37 -6.47 14.20
N ALA B 82 15.72 -7.17 13.26
CA ALA B 82 16.36 -7.97 12.26
C ALA B 82 17.25 -7.06 11.40
N SER B 83 18.35 -7.69 10.96
CA SER B 83 19.44 -6.95 10.32
C SER B 83 19.02 -6.39 8.94
N ASP B 84 18.03 -7.03 8.27
CA ASP B 84 17.58 -6.47 6.97
C ASP B 84 16.94 -5.11 7.21
N ILE B 85 16.20 -4.97 8.32
CA ILE B 85 15.60 -3.72 8.68
C ILE B 85 16.66 -2.66 9.04
N THR B 86 17.52 -3.09 10.00
CA THR B 86 18.49 -2.10 10.47
C THR B 86 19.47 -1.65 9.39
N ASP B 87 19.76 -2.56 8.44
CA ASP B 87 20.60 -2.19 7.29
C ASP B 87 19.90 -1.05 6.48
N GLU B 88 18.56 -1.15 6.28
CA GLU B 88 17.85 -0.09 5.56
C GLU B 88 17.77 1.20 6.39
N GLN B 89 17.59 1.05 7.70
CA GLN B 89 17.56 2.20 8.61
C GLN B 89 18.85 3.01 8.57
N LYS B 90 19.96 2.31 8.44
CA LYS B 90 21.24 3.04 8.35
C LYS B 90 21.33 3.84 7.07
N LYS B 91 20.88 3.21 5.95
CA LYS B 91 20.85 3.95 4.67
C LYS B 91 19.99 5.21 4.73
N VAL B 92 18.84 5.05 5.41
CA VAL B 92 17.96 6.19 5.54
C VAL B 92 18.53 7.29 6.43
N ARG B 93 19.03 6.83 7.53
CA ARG B 93 19.60 7.79 8.50
C ARG B 93 20.69 8.66 7.88
N GLU B 94 21.54 8.00 7.09
CA GLU B 94 22.61 8.76 6.39
C GLU B 94 22.16 9.64 5.20
N ALA B 95 21.04 9.34 4.57
CA ALA B 95 20.61 10.01 3.40
C ALA B 95 20.07 11.41 3.65
N ASP B 96 20.33 12.31 2.69
CA ASP B 96 19.75 13.64 2.66
C ASP B 96 18.45 13.64 1.81
N LEU B 97 18.37 12.73 0.86
CA LEU B 97 17.34 12.56 -0.08
C LEU B 97 17.08 11.07 -0.24
N VAL B 98 15.80 10.65 -0.17
CA VAL B 98 15.37 9.31 -0.50
C VAL B 98 14.44 9.42 -1.70
N ILE B 99 14.81 8.76 -2.79
CA ILE B 99 14.06 8.69 -4.01
C ILE B 99 13.44 7.27 -4.03
N PHE B 100 12.14 7.16 -4.26
CA PHE B 100 11.43 5.90 -4.47
C PHE B 100 11.11 5.78 -5.94
N GLN B 101 11.58 4.69 -6.58
CA GLN B 101 11.38 4.49 -7.97
C GLN B 101 10.52 3.23 -8.17
N PHE B 102 9.29 3.38 -8.69
CA PHE B 102 8.39 2.23 -8.77
C PHE B 102 7.32 2.45 -9.87
N PRO B 103 6.76 1.35 -10.32
CA PRO B 103 5.48 1.37 -11.08
C PRO B 103 4.30 1.35 -10.11
N LEU B 104 3.26 2.13 -10.48
CA LEU B 104 2.03 2.23 -9.74
C LEU B 104 1.26 0.90 -9.78
N TYR B 105 1.11 0.25 -8.62
CA TYR B 105 0.33 -0.99 -8.53
C TYR B 105 -0.91 -0.66 -7.69
N TRP B 106 -2.10 -0.72 -8.28
CA TRP B 106 -3.34 -0.46 -7.57
C TRP B 106 -3.32 0.90 -6.80
N PHE B 107 -2.96 1.93 -7.56
CA PHE B 107 -2.95 3.29 -7.01
C PHE B 107 -1.97 3.46 -5.88
N SER B 108 -0.90 2.65 -5.79
CA SER B 108 0.01 2.64 -4.68
C SER B 108 1.34 1.99 -5.11
N VAL B 109 2.13 1.72 -4.09
CA VAL B 109 3.43 1.07 -4.30
C VAL B 109 3.24 -0.46 -4.47
N PRO B 110 4.08 -1.13 -5.28
CA PRO B 110 4.12 -2.59 -5.23
C PRO B 110 4.27 -3.08 -3.79
N ALA B 111 3.71 -4.26 -3.44
CA ALA B 111 3.78 -4.78 -2.11
C ALA B 111 5.20 -4.88 -1.58
N ILE B 112 6.22 -5.23 -2.40
CA ILE B 112 7.55 -5.34 -1.82
C ILE B 112 7.99 -4.01 -1.24
N LEU B 113 7.64 -2.90 -1.93
CA LEU B 113 7.96 -1.57 -1.38
C LEU B 113 7.05 -1.15 -0.28
N LYS B 114 5.77 -1.57 -0.32
CA LYS B 114 4.94 -1.34 0.86
C LYS B 114 5.56 -1.98 2.09
N GLY B 115 6.13 -3.18 1.93
CA GLY B 115 6.76 -3.85 3.01
C GLY B 115 7.99 -3.16 3.53
N TRP B 116 8.79 -2.57 2.68
CA TRP B 116 9.85 -1.70 3.09
C TRP B 116 9.30 -0.54 3.90
N MET B 117 8.29 0.08 3.54
N MET B 117 8.30 0.10 3.53
CA MET B 117 7.76 1.15 4.38
CA MET B 117 7.75 1.16 4.37
C MET B 117 7.26 0.64 5.71
C MET B 117 7.27 0.63 5.71
N ASP B 118 6.53 -0.42 5.72
CA ASP B 118 5.93 -1.00 6.89
C ASP B 118 6.99 -1.41 7.89
N ARG B 119 8.06 -2.03 7.41
CA ARG B 119 9.05 -2.63 8.29
C ARG B 119 10.25 -1.72 8.65
N VAL B 120 10.66 -0.86 7.76
CA VAL B 120 11.81 0.01 7.97
C VAL B 120 11.40 1.24 8.80
N LEU B 121 10.23 1.81 8.56
CA LEU B 121 9.82 3.04 9.14
C LEU B 121 9.10 2.78 10.47
N CYS B 122 9.82 2.28 11.45
CA CYS B 122 9.25 1.87 12.69
C CYS B 122 9.22 2.99 13.72
N GLN B 123 8.36 2.78 14.70
CA GLN B 123 8.31 3.67 15.82
C GLN B 123 9.67 3.70 16.57
N GLY B 124 10.06 4.94 16.87
CA GLY B 124 11.39 5.27 17.41
C GLY B 124 12.39 5.77 16.40
N PHE B 125 12.31 5.19 15.20
CA PHE B 125 13.17 5.55 14.15
C PHE B 125 12.61 6.66 13.26
N ALA B 126 11.37 6.44 12.78
CA ALA B 126 10.81 7.38 11.86
C ALA B 126 9.77 8.35 12.43
N PHE B 127 9.21 7.79 13.50
N PHE B 127 9.04 8.05 13.46
CA PHE B 127 8.13 8.34 14.35
CA PHE B 127 8.08 9.07 13.96
C PHE B 127 8.03 7.73 15.76
C PHE B 127 7.92 8.77 15.42
N ASP B 128 7.34 8.48 16.58
N ASP B 128 7.31 9.66 16.21
CA ASP B 128 7.04 8.10 17.89
CA ASP B 128 7.07 9.32 17.60
C ASP B 128 5.48 8.23 18.08
C ASP B 128 5.87 10.16 18.07
N ILE B 129 4.92 7.61 19.10
N ILE B 129 5.55 10.07 19.35
CA ILE B 129 3.47 7.79 19.40
CA ILE B 129 4.74 11.13 19.99
C ILE B 129 3.36 8.32 20.83
C ILE B 129 5.78 12.09 20.65
N PRO B 130 2.98 9.58 21.00
N PRO B 130 5.89 13.36 20.22
CA PRO B 130 2.91 10.58 19.95
CA PRO B 130 5.14 14.21 19.32
C PRO B 130 4.33 10.91 19.50
C PRO B 130 5.72 14.39 17.89
N GLY B 131 4.51 11.51 18.33
N GLY B 131 6.72 13.66 17.61
CA GLY B 131 5.63 11.21 17.44
CA GLY B 131 7.37 13.83 16.31
C GLY B 131 5.83 11.79 16.01
C GLY B 131 6.65 13.16 15.17
N PHE B 132 4.79 12.38 15.46
N PHE B 132 5.76 13.90 14.55
CA PHE B 132 4.62 12.38 13.98
CA PHE B 132 5.15 13.50 13.29
C PHE B 132 4.46 13.72 13.18
C PHE B 132 4.66 14.72 12.53
N TYR B 133 4.18 13.75 11.89
N TYR B 133 4.36 14.48 11.25
CA TYR B 133 4.25 14.90 10.99
CA TYR B 133 4.12 15.53 10.22
C TYR B 133 5.49 15.68 11.39
C TYR B 133 5.33 16.48 10.18
N ASP B 134 5.34 16.89 11.85
N ASP B 134 5.15 17.77 10.35
CA ASP B 134 6.54 17.70 12.17
CA ASP B 134 6.35 18.66 10.27
C ASP B 134 7.23 17.21 13.34
C ASP B 134 7.49 18.34 11.29
N SER B 135 6.66 16.20 14.03
N SER B 135 7.11 17.75 12.42
CA SER B 135 7.44 15.76 15.21
CA SER B 135 8.09 17.33 13.43
C SER B 135 8.07 14.43 14.89
C SER B 135 8.46 15.85 13.38
N GLY B 136 7.94 14.06 13.63
N GLY B 136 8.13 15.19 12.28
CA GLY B 136 8.49 12.80 13.23
CA GLY B 136 8.53 13.80 12.10
C GLY B 136 9.99 12.88 13.25
C GLY B 136 10.04 13.67 12.21
N LEU B 137 10.58 11.72 13.14
N LEU B 137 10.52 12.54 12.71
CA LEU B 137 11.99 11.65 13.40
CA LEU B 137 11.91 12.39 13.15
C LEU B 137 12.98 11.85 12.16
C LEU B 137 12.94 12.38 12.07
N LEU B 138 12.48 12.09 10.89
CA LEU B 138 13.29 12.27 9.67
C LEU B 138 13.22 13.67 9.10
N GLN B 139 12.79 14.64 9.96
CA GLN B 139 12.84 16.02 9.54
C GLN B 139 14.23 16.41 9.14
N GLY B 140 14.30 17.24 8.12
CA GLY B 140 15.61 17.66 7.55
C GLY B 140 15.86 16.87 6.28
N LYS B 141 15.16 15.74 6.09
CA LYS B 141 15.42 14.94 4.92
C LYS B 141 14.38 15.24 3.86
N LEU B 142 14.74 15.00 2.61
CA LEU B 142 13.93 15.13 1.44
C LEU B 142 13.50 13.73 0.99
N ALA B 143 12.30 13.66 0.46
CA ALA B 143 11.79 12.41 -0.17
C ALA B 143 11.13 12.76 -1.49
N LEU B 144 11.15 11.84 -2.45
CA LEU B 144 10.63 12.08 -3.73
C LEU B 144 10.11 10.77 -4.28
N LEU B 145 8.87 10.77 -4.74
CA LEU B 145 8.30 9.59 -5.38
C LEU B 145 8.45 9.70 -6.89
N SER B 146 9.15 8.77 -7.58
CA SER B 146 9.24 8.71 -9.00
C SER B 146 8.46 7.49 -9.41
N VAL B 147 7.31 7.77 -9.98
CA VAL B 147 6.31 6.76 -10.27
C VAL B 147 6.10 6.63 -11.76
N THR B 148 5.89 5.43 -12.31
CA THR B 148 5.41 5.20 -13.63
C THR B 148 3.95 4.72 -13.50
N THR B 149 3.14 5.05 -14.50
CA THR B 149 1.72 4.66 -14.51
C THR B 149 1.41 3.88 -15.74
N GLY B 150 0.35 3.07 -15.59
CA GLY B 150 -0.23 2.38 -16.67
C GLY B 150 -1.12 3.34 -17.44
N GLY B 151 -1.87 4.22 -16.77
CA GLY B 151 -2.77 5.19 -17.44
C GLY B 151 -2.10 6.44 -18.04
N THR B 152 -2.71 7.01 -19.09
CA THR B 152 -2.32 8.31 -19.68
C THR B 152 -2.57 9.47 -18.74
N ALA B 153 -1.87 10.61 -18.95
CA ALA B 153 -2.06 11.75 -18.04
C ALA B 153 -3.54 12.17 -17.84
N GLU B 154 -4.31 12.13 -18.92
CA GLU B 154 -5.64 12.71 -18.79
C GLU B 154 -6.60 11.81 -18.06
N MET B 155 -6.20 10.57 -17.81
CA MET B 155 -7.00 9.69 -16.98
C MET B 155 -6.82 10.04 -15.56
N TYR B 156 -5.69 10.66 -15.26
CA TYR B 156 -5.45 11.12 -13.94
C TYR B 156 -5.70 12.60 -13.83
N THR B 157 -6.84 13.03 -14.37
CA THR B 157 -7.40 14.34 -14.10
C THR B 157 -8.65 14.21 -13.31
N LYS B 158 -9.04 15.31 -12.67
CA LYS B 158 -10.06 15.39 -11.60
C LYS B 158 -11.36 14.66 -11.97
N THR B 159 -11.73 14.87 -13.22
CA THR B 159 -12.96 14.33 -13.78
C THR B 159 -12.60 13.16 -14.72
N GLY B 160 -11.35 12.71 -14.63
CA GLY B 160 -10.84 11.58 -15.43
C GLY B 160 -11.25 10.31 -14.68
N VAL B 161 -11.26 9.15 -15.33
CA VAL B 161 -11.79 7.91 -14.55
C VAL B 161 -11.06 7.54 -13.23
N ASN B 162 -9.74 7.88 -13.29
CA ASN B 162 -8.83 7.61 -12.22
C ASN B 162 -8.75 8.72 -11.23
N GLY B 163 -9.36 9.91 -11.55
CA GLY B 163 -9.21 11.05 -10.68
C GLY B 163 -7.80 11.58 -10.88
N ASP B 164 -7.57 12.69 -10.19
CA ASP B 164 -6.29 13.38 -10.21
C ASP B 164 -5.21 12.45 -9.61
N SER B 165 -3.99 12.45 -10.20
CA SER B 165 -2.90 11.72 -9.65
C SER B 165 -2.66 12.16 -8.19
N ARG B 166 -2.85 13.43 -7.86
CA ARG B 166 -2.63 13.80 -6.50
C ARG B 166 -3.44 13.00 -5.48
N TYR B 167 -4.63 12.57 -5.88
CA TYR B 167 -5.51 11.87 -4.97
C TYR B 167 -4.87 10.60 -4.43
N PHE B 168 -4.18 9.83 -5.31
CA PHE B 168 -3.56 8.59 -4.87
C PHE B 168 -2.22 8.86 -4.19
N LEU B 169 -1.65 10.07 -4.36
CA LEU B 169 -0.41 10.36 -3.63
C LEU B 169 -0.57 10.56 -2.16
N TRP B 170 -1.79 10.90 -1.73
CA TRP B 170 -2.00 11.20 -0.34
C TRP B 170 -1.47 10.25 0.69
N PRO B 171 -1.82 8.91 0.56
CA PRO B 171 -1.33 8.02 1.58
C PRO B 171 0.23 7.85 1.61
N LEU B 172 0.86 8.07 0.48
CA LEU B 172 2.31 7.92 0.35
C LEU B 172 3.03 9.23 0.75
N GLN B 173 2.67 10.35 0.13
CA GLN B 173 3.36 11.62 0.46
C GLN B 173 3.03 12.13 1.81
N HIS B 174 1.72 12.06 2.18
CA HIS B 174 1.29 12.63 3.42
C HIS B 174 1.26 11.65 4.53
N GLY B 175 0.47 10.54 4.30
CA GLY B 175 0.29 9.60 5.31
C GLY B 175 1.53 8.82 5.73
N THR B 176 2.54 8.79 4.86
CA THR B 176 3.78 8.05 5.11
C THR B 176 4.97 9.07 5.20
N LEU B 177 5.32 9.75 4.10
CA LEU B 177 6.59 10.52 4.08
C LEU B 177 6.52 11.77 4.99
N HIS B 178 5.45 12.58 4.84
CA HIS B 178 5.22 13.78 5.65
C HIS B 178 5.18 13.35 7.07
N PHE B 179 4.38 12.30 7.35
CA PHE B 179 4.19 11.78 8.66
C PHE B 179 5.51 11.56 9.45
N CYS B 180 6.47 10.97 8.74
CA CYS B 180 7.81 10.68 9.30
C CYS B 180 8.71 11.94 9.29
N GLY B 181 8.21 13.07 8.82
CA GLY B 181 9.05 14.30 8.80
C GLY B 181 9.73 14.71 7.53
N PHE B 182 9.73 13.88 6.52
CA PHE B 182 10.30 14.27 5.24
C PHE B 182 9.62 15.53 4.70
N LYS B 183 10.41 16.40 4.14
CA LYS B 183 9.95 17.35 3.23
C LYS B 183 9.80 16.59 1.92
N VAL B 184 8.69 16.80 1.28
CA VAL B 184 8.35 16.12 0.06
C VAL B 184 8.57 16.96 -1.16
N LEU B 185 9.55 16.60 -1.95
CA LEU B 185 9.67 17.12 -3.29
C LEU B 185 8.56 16.70 -4.21
N ALA B 186 8.30 17.52 -5.21
CA ALA B 186 7.26 17.28 -6.08
C ALA B 186 7.47 15.91 -6.70
N PRO B 187 6.40 15.17 -6.91
CA PRO B 187 6.57 13.83 -7.51
C PRO B 187 7.00 13.90 -8.98
N GLN B 188 7.75 12.88 -9.41
CA GLN B 188 8.02 12.64 -10.80
C GLN B 188 7.09 11.60 -11.29
N ILE B 189 6.20 11.99 -12.16
CA ILE B 189 5.24 11.01 -12.68
C ILE B 189 5.48 10.85 -14.16
N SER B 190 5.90 9.68 -14.56
CA SER B 190 6.10 9.27 -15.92
C SER B 190 4.86 8.52 -16.32
N PHE B 191 3.99 9.26 -17.03
CA PHE B 191 2.68 8.71 -17.40
C PHE B 191 2.83 7.74 -18.57
N ALA B 192 2.27 6.56 -18.39
CA ALA B 192 2.16 5.50 -19.45
C ALA B 192 3.31 5.26 -20.37
N PRO B 193 4.50 5.07 -19.79
CA PRO B 193 5.67 4.81 -20.64
C PRO B 193 5.55 3.62 -21.56
N GLU B 194 4.86 2.55 -21.14
CA GLU B 194 4.69 1.32 -22.00
C GLU B 194 4.00 1.66 -23.34
N ILE B 195 3.02 2.55 -23.31
CA ILE B 195 2.24 2.92 -24.51
C ILE B 195 3.02 3.98 -25.37
N ALA B 196 3.84 4.78 -24.71
CA ALA B 196 4.67 5.81 -25.36
C ALA B 196 5.63 5.36 -26.43
N SER B 197 5.97 6.27 -27.35
CA SER B 197 7.01 6.04 -28.40
C SER B 197 8.37 6.08 -27.74
N GLU B 198 9.40 5.49 -28.39
CA GLU B 198 10.79 5.62 -27.92
C GLU B 198 11.19 7.08 -27.69
N GLU B 199 10.53 8.00 -28.41
CA GLU B 199 10.85 9.42 -28.36
C GLU B 199 10.20 10.07 -27.18
N GLU B 200 8.93 9.71 -26.91
CA GLU B 200 8.28 10.14 -25.64
C GLU B 200 9.02 9.53 -24.43
N ARG B 201 9.54 8.29 -24.57
CA ARG B 201 10.24 7.64 -23.44
C ARG B 201 11.58 8.31 -23.20
N LYS B 202 12.29 8.64 -24.27
CA LYS B 202 13.52 9.42 -24.08
C LYS B 202 13.25 10.82 -23.49
N GLY B 203 12.15 11.44 -23.91
CA GLY B 203 11.72 12.70 -23.35
C GLY B 203 11.46 12.63 -21.87
N MET B 204 10.98 11.50 -21.40
CA MET B 204 10.62 11.36 -20.01
C MET B 204 11.85 11.08 -19.14
N VAL B 205 12.78 10.33 -19.70
CA VAL B 205 14.04 10.05 -19.08
C VAL B 205 14.87 11.35 -19.00
N ALA B 206 14.83 12.16 -20.03
CA ALA B 206 15.59 13.41 -20.01
C ALA B 206 14.97 14.45 -19.14
N ALA B 207 13.65 14.49 -19.03
CA ALA B 207 13.05 15.42 -18.06
C ALA B 207 13.62 15.13 -16.69
N TRP B 208 13.68 13.82 -16.42
CA TRP B 208 14.17 13.36 -15.16
C TRP B 208 15.66 13.63 -14.95
N SER B 209 16.53 13.29 -15.90
CA SER B 209 17.97 13.61 -15.76
C SER B 209 18.19 15.13 -15.60
N GLN B 210 17.53 15.89 -16.44
CA GLN B 210 17.54 17.35 -16.37
C GLN B 210 17.00 17.90 -15.05
N ARG B 211 15.91 17.34 -14.51
CA ARG B 211 15.41 17.74 -13.22
C ARG B 211 16.48 17.48 -12.16
N LEU B 212 17.13 16.33 -12.26
CA LEU B 212 18.07 15.93 -11.26
C LEU B 212 19.27 16.87 -11.17
N GLN B 213 19.59 17.51 -12.28
CA GLN B 213 20.65 18.49 -12.30
C GLN B 213 20.45 19.57 -11.26
N THR B 214 19.19 19.97 -11.01
CA THR B 214 18.88 21.06 -10.09
C THR B 214 18.05 20.63 -8.88
N ILE B 215 18.04 19.33 -8.58
CA ILE B 215 17.20 18.86 -7.49
C ILE B 215 17.47 19.51 -6.12
N TRP B 216 18.74 19.85 -5.84
CA TRP B 216 19.14 20.43 -4.55
C TRP B 216 18.73 21.92 -4.41
N LYS B 217 18.19 22.51 -5.50
CA LYS B 217 17.60 23.86 -5.47
C LYS B 217 16.10 23.87 -5.29
N GLU B 218 15.49 22.72 -5.22
CA GLU B 218 14.04 22.68 -4.94
C GLU B 218 13.65 22.87 -3.47
N GLU B 219 12.52 23.55 -3.29
CA GLU B 219 11.77 23.68 -1.99
C GLU B 219 10.80 22.43 -1.87
N PRO B 220 10.62 21.87 -0.69
CA PRO B 220 9.48 20.86 -0.65
C PRO B 220 8.13 21.45 -0.99
N ILE B 221 7.18 20.62 -1.52
CA ILE B 221 5.78 20.99 -1.65
C ILE B 221 5.17 21.20 -0.27
N PRO B 222 4.07 22.01 -0.27
CA PRO B 222 3.30 22.05 0.95
C PRO B 222 2.41 20.79 0.99
N CYS B 223 2.73 19.87 1.92
CA CYS B 223 2.14 18.51 1.95
C CYS B 223 0.93 18.45 2.89
N THR B 224 -0.07 19.05 2.27
CA THR B 224 -1.34 19.45 2.84
C THR B 224 -2.52 18.85 2.10
N ALA B 225 -3.64 18.79 2.76
CA ALA B 225 -4.82 18.32 2.12
C ALA B 225 -5.18 19.27 1.07
N HIS B 226 -4.98 20.55 1.33
CA HIS B 226 -5.29 21.44 0.18
C HIS B 226 -4.52 21.17 -1.18
N TRP B 227 -3.23 20.78 -1.08
CA TRP B 227 -2.40 20.50 -2.25
C TRP B 227 -2.92 19.26 -3.02
N HIS B 228 -3.34 18.25 -2.28
CA HIS B 228 -3.77 16.98 -2.93
C HIS B 228 -5.20 16.98 -3.57
N PHE B 229 -6.09 17.79 -2.99
CA PHE B 229 -7.53 17.68 -3.17
C PHE B 229 -8.17 18.98 -3.58
N GLY B 230 -7.54 20.13 -3.32
CA GLY B 230 -8.18 21.47 -3.58
C GLY B 230 -8.05 22.04 -5.01
N GLN B 231 -8.52 23.26 -5.28
CA GLN B 231 -9.06 24.19 -4.27
C GLN B 231 -10.56 24.13 -4.14
#